data_8KAC
#
_entry.id   8KAC
#
_cell.length_a   100.643
_cell.length_b   47.995
_cell.length_c   27.476
_cell.angle_alpha   90.000
_cell.angle_beta   94.860
_cell.angle_gamma   90.000
#
_symmetry.space_group_name_H-M   'C 1 2 1'
#
loop_
_entity.id
_entity.type
_entity.pdbx_description
1 polymer 'De novo design protein -NX1'
2 water water
#
_entity_poly.entity_id   1
_entity_poly.type   'polypeptide(L)'
_entity_poly.pdbx_seq_one_letter_code
;GELIQKYIDEILAEAEAGKKLLLIGAGPAAAKAAIEEAMKRLAETLEELLGVEVKVEIVDDGEYEKAAKIIKEADADVVV
FISTKELKKIDTKAKLINILAADADKVAVLDALIAAARARALEHHHHHH
;
_entity_poly.pdbx_strand_id   A
#
# COMPACT_ATOMS: atom_id res chain seq x y z
N GLY A 1 13.25 1.99 10.81
CA GLY A 1 13.21 3.28 11.49
C GLY A 1 11.80 3.71 11.87
N GLU A 2 11.70 4.93 12.42
CA GLU A 2 10.44 5.36 13.01
C GLU A 2 9.35 5.57 11.97
N LEU A 3 9.71 6.07 10.78
CA LEU A 3 8.69 6.29 9.75
C LEU A 3 8.03 4.97 9.33
N ILE A 4 8.85 3.93 9.13
CA ILE A 4 8.29 2.60 8.83
C ILE A 4 7.39 2.13 9.97
N GLN A 5 7.82 2.35 11.22
CA GLN A 5 6.99 1.95 12.35
C GLN A 5 5.68 2.71 12.38
N LYS A 6 5.74 4.03 12.15
CA LYS A 6 4.52 4.84 12.05
C LYS A 6 3.61 4.31 10.94
N TYR A 7 4.17 4.03 9.76
CA TYR A 7 3.36 3.54 8.65
C TYR A 7 2.66 2.23 9.00
N ILE A 8 3.41 1.26 9.52
CA ILE A 8 2.80 -0.03 9.78
C ILE A 8 1.83 0.06 10.96
N ASP A 9 2.07 0.97 11.91
CA ASP A 9 1.09 1.17 12.97
C ASP A 9 -0.26 1.57 12.38
N GLU A 10 -0.24 2.53 11.45
CA GLU A 10 -1.49 3.06 10.93
C GLU A 10 -2.16 2.04 9.99
N ILE A 11 -1.37 1.30 9.22
CA ILE A 11 -1.93 0.28 8.34
C ILE A 11 -2.61 -0.81 9.15
N LEU A 12 -1.93 -1.30 10.19
CA LEU A 12 -2.50 -2.37 11.00
C LEU A 12 -3.72 -1.91 11.77
N ALA A 13 -3.65 -0.70 12.34
CA ALA A 13 -4.79 -0.19 13.10
C ALA A 13 -6.01 0.02 12.21
N GLU A 14 -5.81 0.58 11.02
CA GLU A 14 -6.92 0.78 10.10
C GLU A 14 -7.45 -0.55 9.56
N ALA A 15 -6.55 -1.45 9.19
CA ALA A 15 -6.99 -2.76 8.72
C ALA A 15 -7.67 -3.56 9.81
N GLU A 16 -7.24 -3.38 11.06
CA GLU A 16 -7.88 -4.04 12.20
C GLU A 16 -9.35 -3.67 12.32
N ALA A 17 -9.70 -2.43 11.96
CA ALA A 17 -11.08 -1.96 12.06
C ALA A 17 -11.86 -2.20 10.77
N GLY A 18 -11.28 -1.85 9.63
CA GLY A 18 -11.94 -2.05 8.36
C GLY A 18 -11.95 -3.51 7.94
N LYS A 19 -12.57 -3.75 6.78
CA LYS A 19 -12.72 -5.10 6.26
C LYS A 19 -12.03 -5.30 4.92
N LYS A 20 -12.07 -4.31 4.02
CA LYS A 20 -11.48 -4.43 2.69
C LYS A 20 -10.46 -3.32 2.47
N LEU A 21 -9.26 -3.71 2.05
CA LEU A 21 -8.14 -2.81 1.86
C LEU A 21 -7.72 -2.82 0.39
N LEU A 22 -7.37 -1.65 -0.13
CA LEU A 22 -6.78 -1.53 -1.47
C LEU A 22 -5.34 -1.06 -1.32
N LEU A 23 -4.41 -1.87 -1.83
CA LEU A 23 -3.00 -1.54 -1.88
C LEU A 23 -2.67 -1.22 -3.34
N ILE A 24 -2.30 0.03 -3.61
CA ILE A 24 -2.07 0.48 -4.98
C ILE A 24 -0.73 1.17 -5.03
N GLY A 25 -0.01 0.98 -6.13
CA GLY A 25 1.31 1.57 -6.24
C GLY A 25 1.66 1.79 -7.70
N ALA A 26 2.76 2.51 -7.91
CA ALA A 26 3.25 2.81 -9.24
C ALA A 26 4.71 2.43 -9.32
N GLY A 27 5.12 2.02 -10.51
CA GLY A 27 6.51 1.67 -10.74
C GLY A 27 6.95 1.99 -12.15
N PRO A 28 8.24 2.29 -12.30
CA PRO A 28 8.82 2.39 -13.63
C PRO A 28 8.81 1.03 -14.30
N ALA A 29 9.03 1.05 -15.63
CA ALA A 29 8.94 -0.17 -16.42
C ALA A 29 9.79 -1.30 -15.83
N ALA A 30 11.04 -0.98 -15.48
CA ALA A 30 11.98 -2.02 -15.08
C ALA A 30 11.70 -2.58 -13.69
N ALA A 31 11.01 -1.84 -12.84
CA ALA A 31 10.75 -2.26 -11.47
C ALA A 31 9.31 -2.68 -11.25
N LYS A 32 8.45 -2.57 -12.27
CA LYS A 32 7.02 -2.72 -12.06
C LYS A 32 6.67 -4.10 -11.51
N ALA A 33 7.27 -5.15 -12.08
CA ALA A 33 6.97 -6.51 -11.63
C ALA A 33 7.43 -6.75 -10.20
N ALA A 34 8.63 -6.27 -9.83
CA ALA A 34 9.11 -6.47 -8.46
C ALA A 34 8.30 -5.66 -7.46
N ILE A 35 7.82 -4.47 -7.85
CA ILE A 35 6.98 -3.69 -6.96
C ILE A 35 5.62 -4.36 -6.79
N GLU A 36 5.03 -4.84 -7.90
CA GLU A 36 3.75 -5.56 -7.78
C GLU A 36 3.90 -6.78 -6.90
N GLU A 37 5.01 -7.52 -7.07
CA GLU A 37 5.28 -8.69 -6.24
C GLU A 37 5.35 -8.32 -4.77
N ALA A 38 6.07 -7.25 -4.43
CA ALA A 38 6.16 -6.81 -3.04
C ALA A 38 4.79 -6.43 -2.49
N MET A 39 3.98 -5.78 -3.31
CA MET A 39 2.64 -5.39 -2.88
C MET A 39 1.79 -6.61 -2.61
N LYS A 40 1.82 -7.61 -3.50
CA LYS A 40 1.08 -8.84 -3.26
C LYS A 40 1.60 -9.56 -2.02
N ARG A 41 2.91 -9.48 -1.75
CA ARG A 41 3.44 -10.13 -0.55
C ARG A 41 2.96 -9.42 0.71
N LEU A 42 2.90 -8.09 0.68
CA LEU A 42 2.32 -7.36 1.81
C LEU A 42 0.83 -7.64 1.94
N ALA A 43 0.12 -7.69 0.82
CA ALA A 43 -1.29 -8.06 0.83
C ALA A 43 -1.49 -9.42 1.51
N GLU A 44 -0.72 -10.43 1.10
CA GLU A 44 -0.87 -11.76 1.69
C GLU A 44 -0.54 -11.75 3.17
N THR A 45 0.47 -10.97 3.57
CA THR A 45 0.81 -10.88 4.98
C THR A 45 -0.34 -10.32 5.80
N LEU A 46 -0.97 -9.25 5.29
CA LEU A 46 -2.08 -8.63 6.01
C LEU A 46 -3.29 -9.56 6.05
N GLU A 47 -3.58 -10.26 4.94
CA GLU A 47 -4.68 -11.23 4.95
C GLU A 47 -4.42 -12.33 5.97
N GLU A 48 -3.18 -12.83 6.04
CA GLU A 48 -2.86 -13.97 6.89
C GLU A 48 -2.89 -13.59 8.36
N LEU A 49 -2.42 -12.39 8.69
CA LEU A 49 -2.33 -11.97 10.09
C LEU A 49 -3.64 -11.38 10.60
N LEU A 50 -4.34 -10.60 9.78
CA LEU A 50 -5.50 -9.86 10.22
C LEU A 50 -6.84 -10.42 9.74
N GLY A 51 -6.86 -11.16 8.62
CA GLY A 51 -8.12 -11.64 8.10
C GLY A 51 -8.89 -10.60 7.30
N VAL A 52 -8.21 -9.57 6.81
CA VAL A 52 -8.81 -8.56 5.97
C VAL A 52 -8.54 -8.93 4.53
N GLU A 53 -9.47 -8.58 3.64
CA GLU A 53 -9.30 -8.87 2.22
C GLU A 53 -8.59 -7.67 1.59
N VAL A 54 -7.56 -7.95 0.80
CA VAL A 54 -6.69 -6.91 0.25
C VAL A 54 -6.60 -7.07 -1.25
N LYS A 55 -7.04 -6.06 -1.98
CA LYS A 55 -6.88 -6.00 -3.42
C LYS A 55 -5.62 -5.22 -3.75
N VAL A 56 -4.93 -5.62 -4.81
CA VAL A 56 -3.68 -4.98 -5.22
C VAL A 56 -3.86 -4.44 -6.63
N GLU A 57 -3.43 -3.21 -6.84
CA GLU A 57 -3.41 -2.61 -8.17
C GLU A 57 -2.05 -1.97 -8.37
N ILE A 58 -1.52 -2.09 -9.58
CA ILE A 58 -0.26 -1.42 -9.90
C ILE A 58 -0.48 -0.62 -11.17
N VAL A 59 0.02 0.61 -11.17
CA VAL A 59 -0.02 1.47 -12.33
C VAL A 59 1.42 1.84 -12.68
N ASP A 60 1.58 2.51 -13.81
CA ASP A 60 2.92 2.94 -14.21
C ASP A 60 3.23 4.30 -13.59
N ASP A 61 4.51 4.56 -13.39
CA ASP A 61 4.98 5.82 -12.83
C ASP A 61 4.35 7.00 -13.57
N GLY A 62 3.77 7.92 -12.81
CA GLY A 62 3.16 9.11 -13.36
C GLY A 62 1.68 9.00 -13.67
N GLU A 63 1.10 7.81 -13.61
CA GLU A 63 -0.31 7.62 -13.93
C GLU A 63 -1.19 7.99 -12.72
N TYR A 64 -1.12 9.25 -12.35
CA TYR A 64 -1.80 9.70 -11.15
C TYR A 64 -3.31 9.73 -11.34
N GLU A 65 -3.77 10.11 -12.54
CA GLU A 65 -5.20 10.15 -12.80
C GLU A 65 -5.78 8.74 -12.87
N LYS A 66 -5.04 7.79 -13.46
CA LYS A 66 -5.48 6.41 -13.46
C LYS A 66 -5.60 5.87 -12.04
N ALA A 67 -4.60 6.17 -11.21
CA ALA A 67 -4.63 5.73 -9.82
C ALA A 67 -5.81 6.36 -9.08
N ALA A 68 -6.04 7.65 -9.27
CA ALA A 68 -7.15 8.31 -8.60
C ALA A 68 -8.49 7.70 -9.02
N LYS A 69 -8.63 7.36 -10.30
CA LYS A 69 -9.88 6.75 -10.78
C LYS A 69 -10.06 5.37 -10.16
N ILE A 70 -8.99 4.58 -10.08
CA ILE A 70 -9.06 3.28 -9.44
C ILE A 70 -9.46 3.42 -7.97
N ILE A 71 -8.84 4.39 -7.28
CA ILE A 71 -9.10 4.56 -5.85
C ILE A 71 -10.53 5.00 -5.61
N LYS A 72 -11.02 5.95 -6.41
CA LYS A 72 -12.37 6.47 -6.22
C LYS A 72 -13.42 5.40 -6.48
N GLU A 73 -13.15 4.46 -7.39
CA GLU A 73 -14.09 3.43 -7.77
C GLU A 73 -13.94 2.13 -6.99
N ALA A 74 -13.00 2.08 -6.06
CA ALA A 74 -12.71 0.85 -5.33
C ALA A 74 -13.66 0.68 -4.16
N ASP A 75 -14.14 -0.54 -3.97
CA ASP A 75 -14.87 -0.91 -2.75
C ASP A 75 -13.82 -1.24 -1.71
N ALA A 76 -13.41 -0.23 -0.95
CA ALA A 76 -12.38 -0.40 0.06
C ALA A 76 -12.64 0.56 1.21
N ASP A 77 -12.39 0.08 2.43
CA ASP A 77 -12.46 0.93 3.61
C ASP A 77 -11.18 1.71 3.84
N VAL A 78 -10.05 1.14 3.44
CA VAL A 78 -8.73 1.72 3.63
C VAL A 78 -7.98 1.60 2.30
N VAL A 79 -7.29 2.67 1.90
CA VAL A 79 -6.44 2.66 0.72
C VAL A 79 -5.01 2.98 1.16
N VAL A 80 -4.07 2.16 0.72
CA VAL A 80 -2.64 2.39 0.93
C VAL A 80 -2.03 2.62 -0.45
N PHE A 81 -1.45 3.81 -0.65
CA PHE A 81 -0.91 4.21 -1.95
C PHE A 81 0.56 4.54 -1.77
N ILE A 82 1.43 3.78 -2.45
CA ILE A 82 2.86 4.04 -2.41
C ILE A 82 3.25 4.75 -3.69
N SER A 83 3.90 5.90 -3.55
CA SER A 83 4.32 6.69 -4.70
C SER A 83 5.44 7.61 -4.27
N THR A 84 6.12 8.19 -5.26
CA THR A 84 7.19 9.14 -4.99
C THR A 84 6.69 10.56 -4.79
N LYS A 85 5.50 10.88 -5.26
CA LYS A 85 4.93 12.21 -5.11
C LYS A 85 3.54 12.09 -4.48
N GLU A 86 3.21 13.04 -3.62
CA GLU A 86 1.91 13.05 -2.97
C GLU A 86 0.81 13.22 -4.00
N LEU A 87 -0.24 12.42 -3.86
CA LEU A 87 -1.38 12.51 -4.76
C LEU A 87 -2.30 13.64 -4.30
N LYS A 88 -2.92 14.32 -5.26
CA LYS A 88 -3.80 15.44 -4.97
C LYS A 88 -5.07 14.95 -4.29
N LYS A 89 -5.97 15.89 -4.01
CA LYS A 89 -7.21 15.55 -3.32
C LYS A 89 -8.05 14.59 -4.13
N ILE A 90 -8.43 13.47 -3.52
CA ILE A 90 -9.24 12.47 -4.18
C ILE A 90 -10.63 12.41 -3.56
N THR A 92 -12.83 10.48 -2.18
CA THR A 92 -12.96 9.13 -1.67
C THR A 92 -13.44 9.14 -0.22
N LYS A 93 -14.33 8.20 0.11
CA LYS A 93 -14.77 8.04 1.49
C LYS A 93 -13.83 7.17 2.30
N ALA A 94 -13.00 6.36 1.64
CA ALA A 94 -12.08 5.49 2.36
C ALA A 94 -11.01 6.30 3.08
N LYS A 95 -10.40 5.68 4.08
CA LYS A 95 -9.22 6.23 4.73
C LYS A 95 -8.03 6.03 3.82
N LEU A 96 -7.33 7.11 3.49
CA LEU A 96 -6.18 7.05 2.60
C LEU A 96 -4.89 7.15 3.41
N ILE A 97 -3.98 6.20 3.18
CA ILE A 97 -2.66 6.21 3.76
C ILE A 97 -1.66 6.29 2.62
N ASN A 98 -0.93 7.41 2.55
CA ASN A 98 0.10 7.57 1.55
C ASN A 98 1.44 7.09 2.10
N ILE A 99 2.12 6.24 1.35
CA ILE A 99 3.49 5.82 1.64
C ILE A 99 4.39 6.51 0.63
N LEU A 100 5.29 7.36 1.12
CA LEU A 100 6.21 8.08 0.25
C LEU A 100 7.52 7.31 0.11
N ALA A 101 7.93 7.08 -1.13
CA ALA A 101 9.16 6.36 -1.40
C ALA A 101 9.62 6.64 -2.83
N ALA A 102 10.92 6.89 -3.00
CA ALA A 102 11.48 7.02 -4.33
C ALA A 102 11.42 5.69 -5.07
N ASP A 103 11.54 5.77 -6.41
CA ASP A 103 11.47 4.58 -7.25
C ASP A 103 12.40 3.49 -6.74
N ALA A 104 13.68 3.81 -6.56
CA ALA A 104 14.66 2.82 -6.16
C ALA A 104 14.42 2.25 -4.78
N ASP A 105 13.52 2.85 -3.99
CA ASP A 105 13.29 2.41 -2.62
C ASP A 105 11.96 1.70 -2.45
N LYS A 106 11.10 1.64 -3.48
CA LYS A 106 9.73 1.21 -3.28
C LYS A 106 9.65 -0.24 -2.81
N VAL A 107 10.41 -1.14 -3.45
CA VAL A 107 10.41 -2.53 -3.04
C VAL A 107 10.96 -2.67 -1.62
N ALA A 108 12.03 -1.93 -1.31
CA ALA A 108 12.62 -2.02 0.02
C ALA A 108 11.66 -1.51 1.09
N VAL A 109 10.88 -0.47 0.76
CA VAL A 109 9.91 0.06 1.73
C VAL A 109 8.81 -0.96 1.97
N LEU A 110 8.28 -1.53 0.89
CA LEU A 110 7.23 -2.54 1.04
C LEU A 110 7.74 -3.74 1.82
N ASP A 111 8.98 -4.15 1.56
CA ASP A 111 9.55 -5.27 2.29
C ASP A 111 9.74 -4.95 3.77
N ALA A 112 10.10 -3.71 4.08
CA ALA A 112 10.22 -3.29 5.47
C ALA A 112 8.88 -3.28 6.18
N LEU A 113 7.80 -2.94 5.46
CA LEU A 113 6.47 -3.01 6.06
C LEU A 113 6.06 -4.46 6.32
N ILE A 114 6.39 -5.37 5.39
CA ILE A 114 6.09 -6.78 5.61
C ILE A 114 6.81 -7.28 6.85
N ALA A 115 8.10 -6.94 6.98
CA ALA A 115 8.88 -7.40 8.13
C ALA A 115 8.39 -6.77 9.42
N ALA A 116 7.95 -5.52 9.37
CA ALA A 116 7.43 -4.85 10.56
C ALA A 116 6.12 -5.50 11.02
N ALA A 117 5.28 -5.89 10.06
CA ALA A 117 4.00 -6.53 10.40
C ALA A 117 4.22 -7.89 11.05
N ARG A 118 5.11 -8.70 10.48
CA ARG A 118 5.40 -10.00 11.09
C ARG A 118 6.06 -9.84 12.45
N ALA A 119 6.82 -8.76 12.65
CA ALA A 119 7.40 -8.51 13.96
C ALA A 119 6.33 -8.12 14.96
N ARG A 120 5.39 -7.26 14.56
CA ARG A 120 4.29 -6.89 15.44
C ARG A 120 3.43 -8.09 15.81
N ALA A 121 3.36 -9.08 14.93
CA ALA A 121 2.61 -10.30 15.25
C ALA A 121 3.26 -11.06 16.40
N LEU A 122 4.59 -11.03 16.50
CA LEU A 122 5.29 -11.76 17.55
C LEU A 122 5.16 -11.07 18.91
#